data_4AQT
#
_entry.id   4AQT
#
_cell.length_a   203.010
_cell.length_b   203.010
_cell.length_c   93.690
_cell.angle_alpha   90.00
_cell.angle_beta   90.00
_cell.angle_gamma   120.00
#
_symmetry.space_group_name_H-M   'H 3 2'
#
loop_
_entity.id
_entity.type
_entity.pdbx_description
1 polymer 'LAMININ SUBUNIT GAMMA-1'
2 branched beta-D-mannopyranose-(1-4)-2-acetamido-2-deoxy-beta-D-glucopyranose-(1-4)-2-acetamido-2-deoxy-beta-D-glucopyranose
3 non-polymer 'CALCIUM ION'
4 non-polymer 2-acetamido-2-deoxy-beta-D-glucopyranose
#
_entity_poly.entity_id   1
_entity_poly.type   'polypeptide(L)'
_entity_poly.pdbx_seq_one_letter_code
;APLAAMDECADEGGRPQRCMPEFVNAAFNVTVVATNTCGTPPEEYCVQTGVTGVTKSCHLCDAGQQHLQHGAAFLTDYNN
QADTTWWQSQTMLAGVQYPNSINLTLHLGKAFDITYVRLKFHTSRPESFAIYKRTREDGPWIPYQYYSGSCENTYSKANR
GFIRTGGDEQQALCTDEFSDISPLTGGNVAFSTLEGRPSAYNFDNSPVLQEWVTATDIRVTLNRLNTFGDEVFNEPKVLK
SYYYAISDFAVGGRCKCNGHASECVKNEFDKLMCNCKHNTYGVDCEKCLPFFNDRPWRRATAESASECLPCDCNGRSQEC
YFDPELYRSTGHGGHCTNCRDNTDGAKCERCRENFFRLGNTEACSPAAAHHHHHH
;
_entity_poly.pdbx_strand_id   A
#
# COMPACT_ATOMS: atom_id res chain seq x y z
N GLU A 8 16.27 -17.51 -2.54
CA GLU A 8 15.33 -16.40 -2.20
C GLU A 8 15.84 -15.56 -1.02
N CYS A 9 15.41 -15.93 0.18
CA CYS A 9 15.76 -15.25 1.43
C CYS A 9 16.98 -15.82 2.14
N ALA A 10 17.94 -16.32 1.35
CA ALA A 10 19.18 -16.88 1.88
C ALA A 10 20.23 -16.89 0.77
N ASP A 11 21.49 -16.64 1.15
CA ASP A 11 22.60 -16.58 0.20
C ASP A 11 23.18 -17.93 -0.25
N GLU A 12 24.29 -17.86 -0.98
CA GLU A 12 25.00 -19.04 -1.50
C GLU A 12 25.16 -20.11 -0.42
N GLY A 13 26.01 -19.83 0.56
CA GLY A 13 26.25 -20.75 1.65
C GLY A 13 24.99 -21.13 2.40
N GLY A 14 23.90 -20.42 2.10
CA GLY A 14 22.64 -20.70 2.74
C GLY A 14 22.38 -19.87 4.00
N ARG A 15 23.22 -18.87 4.23
CA ARG A 15 23.04 -18.01 5.40
C ARG A 15 21.76 -17.21 5.13
N PRO A 16 21.13 -16.69 6.19
CA PRO A 16 19.89 -15.92 6.01
C PRO A 16 20.20 -14.51 5.52
N GLN A 17 19.24 -13.93 4.79
CA GLN A 17 19.41 -12.59 4.27
C GLN A 17 18.10 -11.96 3.82
N ARG A 18 18.06 -10.63 3.91
CA ARG A 18 16.90 -9.82 3.56
C ARG A 18 16.33 -10.10 2.18
N CYS A 19 15.02 -10.18 2.10
CA CYS A 19 14.38 -10.44 0.83
C CYS A 19 13.11 -9.64 0.72
N MET A 20 12.32 -9.94 -0.30
CA MET A 20 11.07 -9.24 -0.51
C MET A 20 10.46 -9.71 -1.81
N PRO A 21 9.13 -9.64 -1.90
CA PRO A 21 8.50 -10.08 -3.13
C PRO A 21 8.93 -9.10 -4.23
N GLU A 22 8.57 -9.41 -5.47
CA GLU A 22 8.96 -8.57 -6.60
C GLU A 22 8.02 -7.40 -6.77
N PHE A 23 8.53 -6.36 -7.42
CA PHE A 23 7.76 -5.15 -7.67
C PHE A 23 6.53 -5.48 -8.51
N VAL A 24 5.41 -4.82 -8.21
CA VAL A 24 4.17 -5.08 -8.92
C VAL A 24 3.30 -3.85 -9.00
N ASN A 25 2.12 -4.03 -9.57
CA ASN A 25 1.09 -2.99 -9.67
C ASN A 25 -0.05 -3.63 -8.92
N ALA A 26 -0.11 -3.37 -7.63
CA ALA A 26 -1.14 -3.94 -6.79
C ALA A 26 -2.56 -3.68 -7.27
N ALA A 27 -2.71 -2.83 -8.29
CA ALA A 27 -4.04 -2.50 -8.81
C ALA A 27 -4.66 -3.56 -9.73
N PHE A 28 -3.87 -4.05 -10.67
CA PHE A 28 -4.31 -5.06 -11.64
C PHE A 28 -5.28 -6.08 -11.05
N ASN A 29 -6.43 -6.25 -11.70
CA ASN A 29 -7.51 -7.18 -11.30
C ASN A 29 -8.43 -6.63 -10.22
N VAL A 30 -7.87 -5.84 -9.32
CA VAL A 30 -8.64 -5.27 -8.22
C VAL A 30 -9.77 -4.39 -8.73
N THR A 31 -10.98 -4.79 -8.39
CA THR A 31 -12.16 -4.05 -8.81
C THR A 31 -12.31 -2.79 -7.97
N VAL A 32 -11.87 -1.69 -8.58
CA VAL A 32 -11.93 -0.37 -7.96
C VAL A 32 -13.39 -0.01 -7.72
N VAL A 33 -13.63 0.90 -6.78
CA VAL A 33 -14.99 1.32 -6.50
C VAL A 33 -15.07 2.81 -6.72
N ALA A 34 -16.04 3.24 -7.52
CA ALA A 34 -16.21 4.65 -7.79
C ALA A 34 -17.61 5.05 -7.33
N THR A 35 -17.70 6.24 -6.74
CA THR A 35 -18.97 6.76 -6.26
C THR A 35 -19.85 7.13 -7.47
N ASN A 36 -19.25 7.77 -8.47
CA ASN A 36 -19.98 8.16 -9.66
C ASN A 36 -19.60 7.33 -10.87
N THR A 37 -20.57 7.04 -11.72
CA THR A 37 -20.34 6.27 -12.94
C THR A 37 -21.49 6.53 -13.91
N CYS A 38 -21.18 7.25 -14.99
CA CYS A 38 -22.21 7.57 -15.97
C CYS A 38 -22.80 6.28 -16.49
N GLY A 39 -23.96 6.37 -17.11
CA GLY A 39 -24.59 5.19 -17.66
C GLY A 39 -25.89 4.84 -16.97
N THR A 40 -26.13 5.38 -15.78
CA THR A 40 -27.36 5.10 -15.07
C THR A 40 -28.00 6.37 -14.57
N PRO A 41 -29.04 6.85 -15.27
CA PRO A 41 -29.56 6.18 -16.47
C PRO A 41 -28.77 6.65 -17.69
N PRO A 42 -29.02 6.08 -18.87
CA PRO A 42 -28.32 6.47 -20.10
C PRO A 42 -28.27 7.98 -20.26
N GLU A 43 -27.12 8.48 -20.70
CA GLU A 43 -26.92 9.92 -20.86
C GLU A 43 -26.05 10.12 -22.09
N GLU A 44 -25.81 11.39 -22.45
CA GLU A 44 -24.97 11.67 -23.61
C GLU A 44 -23.77 12.55 -23.29
N TYR A 45 -22.62 12.11 -23.77
CA TYR A 45 -21.37 12.83 -23.57
C TYR A 45 -20.83 13.24 -24.93
N CYS A 46 -20.00 14.28 -24.97
CA CYS A 46 -19.44 14.74 -26.23
C CYS A 46 -17.98 15.06 -26.04
N VAL A 47 -17.11 14.29 -26.70
CA VAL A 47 -15.67 14.49 -26.61
C VAL A 47 -15.37 15.99 -26.82
N GLN A 48 -14.29 16.50 -26.26
CA GLN A 48 -13.98 17.91 -26.41
C GLN A 48 -13.09 18.19 -27.63
N THR A 49 -13.29 19.36 -28.24
CA THR A 49 -12.53 19.79 -29.42
C THR A 49 -11.17 20.39 -29.07
N VAL A 54 -16.72 24.99 -34.48
CA VAL A 54 -15.95 23.75 -34.48
C VAL A 54 -16.87 22.52 -34.61
N THR A 55 -16.43 21.40 -34.05
CA THR A 55 -17.18 20.13 -34.10
C THR A 55 -17.39 19.50 -32.72
N LYS A 56 -18.15 18.41 -32.68
CA LYS A 56 -18.44 17.68 -31.43
C LYS A 56 -19.13 16.34 -31.72
N SER A 57 -18.35 15.27 -31.81
CA SER A 57 -18.89 13.93 -32.08
C SER A 57 -19.41 13.25 -30.80
N CYS A 58 -20.69 13.48 -30.48
CA CYS A 58 -21.32 12.94 -29.28
C CYS A 58 -21.67 11.45 -29.32
N HIS A 59 -21.70 10.84 -28.14
CA HIS A 59 -22.01 9.41 -28.00
C HIS A 59 -22.91 9.13 -26.80
N LEU A 60 -22.97 7.87 -26.38
CA LEU A 60 -23.85 7.49 -25.27
C LEU A 60 -23.22 6.58 -24.21
N CYS A 61 -23.30 7.00 -22.94
CA CYS A 61 -22.79 6.18 -21.85
C CYS A 61 -24.03 5.40 -21.37
N ASP A 62 -24.03 4.09 -21.58
CA ASP A 62 -25.15 3.23 -21.19
C ASP A 62 -24.71 1.95 -20.48
N ALA A 63 -25.20 1.79 -19.24
CA ALA A 63 -24.88 0.65 -18.39
C ALA A 63 -25.30 -0.70 -18.94
N GLY A 64 -26.48 -0.74 -19.54
CA GLY A 64 -27.00 -1.99 -20.08
C GLY A 64 -26.22 -2.64 -21.21
N GLN A 65 -25.85 -1.86 -22.23
CA GLN A 65 -25.11 -2.42 -23.35
C GLN A 65 -23.61 -2.54 -23.08
N GLN A 66 -23.08 -3.73 -23.34
CA GLN A 66 -21.68 -4.03 -23.10
C GLN A 66 -20.72 -3.30 -24.04
N HIS A 67 -21.27 -2.61 -25.04
CA HIS A 67 -20.43 -1.87 -25.99
C HIS A 67 -20.30 -0.40 -25.64
N LEU A 68 -21.01 0.01 -24.60
CA LEU A 68 -21.01 1.41 -24.16
C LEU A 68 -20.85 1.56 -22.65
N GLN A 69 -20.66 0.45 -21.95
CA GLN A 69 -20.49 0.46 -20.49
C GLN A 69 -19.12 1.05 -20.15
N HIS A 70 -19.04 1.76 -19.04
CA HIS A 70 -17.79 2.37 -18.61
C HIS A 70 -17.64 2.27 -17.11
N GLY A 71 -17.83 1.05 -16.59
CA GLY A 71 -17.73 0.83 -15.17
C GLY A 71 -16.36 1.06 -14.58
N ALA A 72 -16.29 1.09 -13.26
CA ALA A 72 -15.02 1.30 -12.56
C ALA A 72 -14.00 0.29 -13.08
N ALA A 73 -14.51 -0.91 -13.40
CA ALA A 73 -13.73 -2.04 -13.89
C ALA A 73 -12.68 -1.74 -14.97
N PHE A 74 -12.96 -0.78 -15.84
CA PHE A 74 -12.03 -0.45 -16.92
C PHE A 74 -10.82 0.32 -16.43
N LEU A 75 -10.66 0.37 -15.12
CA LEU A 75 -9.54 1.08 -14.51
C LEU A 75 -8.34 0.16 -14.26
N THR A 76 -8.60 -1.02 -13.73
CA THR A 76 -7.54 -1.98 -13.42
C THR A 76 -7.43 -3.18 -14.36
N ASP A 77 -7.92 -3.04 -15.58
CA ASP A 77 -7.84 -4.13 -16.56
C ASP A 77 -6.59 -3.92 -17.42
N TYR A 78 -6.23 -4.94 -18.20
CA TYR A 78 -5.03 -4.84 -19.02
C TYR A 78 -5.03 -3.54 -19.84
N ASN A 79 -3.85 -3.01 -20.09
CA ASN A 79 -3.73 -1.78 -20.84
C ASN A 79 -3.21 -2.03 -22.27
N ASN A 80 -4.12 -2.01 -23.23
CA ASN A 80 -3.79 -2.22 -24.63
C ASN A 80 -3.61 -0.86 -25.29
N GLN A 81 -2.36 -0.40 -25.36
CA GLN A 81 -2.07 0.89 -25.95
C GLN A 81 -2.84 1.15 -27.26
N ALA A 82 -3.11 0.08 -28.01
CA ALA A 82 -3.84 0.17 -29.29
C ALA A 82 -5.19 0.86 -29.08
N ASP A 83 -6.08 0.17 -28.37
CA ASP A 83 -7.40 0.69 -28.04
C ASP A 83 -7.52 0.52 -26.52
N THR A 84 -7.97 1.57 -25.83
CA THR A 84 -8.07 1.56 -24.38
C THR A 84 -9.41 1.11 -23.80
N THR A 85 -9.49 1.21 -22.47
CA THR A 85 -10.69 0.89 -21.69
C THR A 85 -10.63 1.94 -20.59
N TRP A 86 -11.76 2.57 -20.32
CA TRP A 86 -11.78 3.59 -19.30
C TRP A 86 -13.08 3.63 -18.51
N TRP A 87 -13.05 4.35 -17.40
CA TRP A 87 -14.21 4.55 -16.57
C TRP A 87 -14.59 6.02 -16.79
N GLN A 88 -15.88 6.30 -16.82
CA GLN A 88 -16.30 7.67 -17.05
C GLN A 88 -17.35 8.18 -16.08
N SER A 89 -17.31 9.47 -15.87
CA SER A 89 -18.22 10.14 -14.97
C SER A 89 -19.38 10.75 -15.74
N GLN A 90 -20.45 11.07 -15.03
CA GLN A 90 -21.57 11.69 -15.69
C GLN A 90 -21.04 13.06 -16.10
N THR A 91 -21.60 13.64 -17.15
CA THR A 91 -21.15 14.94 -17.64
C THR A 91 -21.59 16.08 -16.74
N MET A 92 -20.93 17.24 -16.89
CA MET A 92 -21.26 18.43 -16.13
C MET A 92 -22.75 18.49 -15.89
N LEU A 93 -23.49 18.47 -17.00
CA LEU A 93 -24.95 18.53 -17.04
C LEU A 93 -25.64 17.70 -15.96
N ALA A 94 -25.02 16.58 -15.59
CA ALA A 94 -25.59 15.71 -14.57
C ALA A 94 -25.35 16.30 -13.19
N GLY A 95 -24.53 17.33 -13.13
CA GLY A 95 -24.21 17.98 -11.88
C GLY A 95 -23.01 17.39 -11.19
N VAL A 96 -21.82 17.65 -11.73
CA VAL A 96 -20.60 17.14 -11.13
C VAL A 96 -19.62 18.27 -10.86
N GLN A 97 -18.89 18.66 -11.89
CA GLN A 97 -17.89 19.70 -11.76
C GLN A 97 -17.42 19.87 -10.32
N TYR A 98 -17.85 20.95 -9.68
CA TYR A 98 -17.46 21.26 -8.32
C TYR A 98 -18.64 22.05 -7.78
N PRO A 99 -18.83 22.07 -6.47
CA PRO A 99 -18.03 21.42 -5.43
C PRO A 99 -18.19 19.92 -5.39
N ASN A 100 -19.17 19.41 -6.12
CA ASN A 100 -19.36 17.97 -6.10
C ASN A 100 -18.12 17.25 -6.64
N SER A 101 -17.72 16.19 -5.94
CA SER A 101 -16.55 15.42 -6.32
C SER A 101 -16.86 13.94 -6.60
N ILE A 102 -15.90 13.22 -7.16
CA ILE A 102 -16.08 11.81 -7.47
C ILE A 102 -14.91 11.03 -6.92
N ASN A 103 -15.21 9.86 -6.37
CA ASN A 103 -14.20 9.00 -5.75
C ASN A 103 -13.90 7.62 -6.32
N LEU A 104 -12.63 7.27 -6.30
CA LEU A 104 -12.15 5.99 -6.80
C LEU A 104 -11.29 5.38 -5.69
N THR A 105 -11.82 4.34 -5.05
CA THR A 105 -11.13 3.67 -3.96
C THR A 105 -10.55 2.30 -4.33
N LEU A 106 -9.22 2.18 -4.27
CA LEU A 106 -8.59 0.90 -4.59
C LEU A 106 -8.37 0.13 -3.29
N HIS A 107 -9.05 -1.01 -3.17
CA HIS A 107 -8.93 -1.85 -1.98
C HIS A 107 -7.92 -2.98 -2.16
N LEU A 108 -6.67 -2.76 -1.73
CA LEU A 108 -5.62 -3.78 -1.88
C LEU A 108 -5.76 -5.01 -0.98
N GLY A 109 -6.59 -4.91 0.06
CA GLY A 109 -6.79 -6.05 0.94
C GLY A 109 -5.59 -6.54 1.72
N LYS A 110 -4.42 -5.93 1.52
CA LYS A 110 -3.21 -6.32 2.24
C LYS A 110 -2.12 -5.24 2.14
N ALA A 111 -1.55 -4.86 3.28
CA ALA A 111 -0.52 -3.82 3.32
C ALA A 111 0.58 -4.01 2.29
N PHE A 112 0.83 -2.94 1.51
CA PHE A 112 1.85 -2.91 0.47
C PHE A 112 2.83 -1.80 0.71
N ASP A 113 4.02 -1.92 0.13
CA ASP A 113 5.07 -0.91 0.25
C ASP A 113 5.03 -0.15 -1.08
N ILE A 114 4.23 0.92 -1.09
CA ILE A 114 4.04 1.73 -2.30
C ILE A 114 5.14 2.69 -2.72
N THR A 115 5.43 2.63 -4.02
CA THR A 115 6.44 3.42 -4.74
C THR A 115 5.78 4.51 -5.55
N TYR A 116 4.70 4.16 -6.23
CA TYR A 116 3.99 5.12 -7.04
C TYR A 116 2.54 4.78 -7.36
N VAL A 117 1.81 5.82 -7.76
CA VAL A 117 0.42 5.72 -8.17
C VAL A 117 0.39 6.62 -9.42
N ARG A 118 0.13 6.00 -10.57
CA ARG A 118 0.08 6.71 -11.83
C ARG A 118 -1.30 6.59 -12.47
N LEU A 119 -1.78 7.68 -13.06
CA LEU A 119 -3.08 7.65 -13.71
C LEU A 119 -3.04 8.09 -15.18
N LYS A 120 -3.76 7.35 -16.01
CA LYS A 120 -3.88 7.67 -17.42
C LYS A 120 -5.29 8.22 -17.61
N PHE A 121 -5.37 9.52 -17.90
CA PHE A 121 -6.66 10.18 -18.10
C PHE A 121 -7.07 10.17 -19.56
N HIS A 122 -8.29 9.70 -19.81
CA HIS A 122 -8.85 9.60 -21.16
C HIS A 122 -9.40 10.95 -21.68
N THR A 123 -9.49 11.91 -20.76
CA THR A 123 -9.95 13.27 -21.04
C THR A 123 -8.89 14.25 -20.50
N SER A 124 -9.28 15.48 -20.20
CA SER A 124 -8.33 16.43 -19.64
C SER A 124 -8.17 16.08 -18.17
N ARG A 125 -6.92 15.99 -17.71
CA ARG A 125 -6.69 15.68 -16.31
C ARG A 125 -7.54 16.64 -15.48
N PRO A 126 -7.81 16.28 -14.21
CA PRO A 126 -8.62 17.17 -13.39
C PRO A 126 -7.93 18.49 -13.07
N GLU A 127 -8.72 19.51 -12.75
CA GLU A 127 -8.17 20.80 -12.39
C GLU A 127 -7.55 20.60 -11.02
N SER A 128 -8.26 19.86 -10.20
CA SER A 128 -7.81 19.58 -8.85
C SER A 128 -8.24 18.21 -8.39
N PHE A 129 -7.30 17.46 -7.81
CA PHE A 129 -7.63 16.15 -7.27
C PHE A 129 -6.53 15.77 -6.33
N ALA A 130 -6.88 14.98 -5.32
CA ALA A 130 -5.91 14.55 -4.33
C ALA A 130 -5.90 13.03 -4.35
N ILE A 131 -4.91 12.46 -3.69
CA ILE A 131 -4.80 11.02 -3.66
C ILE A 131 -4.44 10.61 -2.24
N TYR A 132 -5.40 9.93 -1.60
CA TYR A 132 -5.27 9.48 -0.20
C TYR A 132 -4.93 7.99 0.00
N LYS A 133 -4.46 7.65 1.19
CA LYS A 133 -4.11 6.27 1.48
C LYS A 133 -4.30 5.97 2.94
N ARG A 134 -4.54 4.69 3.24
CA ARG A 134 -4.72 4.21 4.62
C ARG A 134 -3.55 3.26 4.82
N THR A 135 -3.00 3.23 6.02
CA THR A 135 -1.88 2.37 6.28
C THR A 135 -2.32 1.01 6.83
N ARG A 136 -3.56 0.96 7.30
CA ARG A 136 -4.17 -0.25 7.83
C ARG A 136 -5.67 -0.11 7.56
N GLU A 137 -6.33 -1.19 7.19
CA GLU A 137 -7.76 -1.13 6.89
C GLU A 137 -8.56 -0.43 8.01
N ASP A 138 -7.98 -0.35 9.21
CA ASP A 138 -8.65 0.35 10.31
C ASP A 138 -8.43 1.82 10.00
N GLY A 139 -7.24 2.28 10.39
CA GLY A 139 -6.80 3.66 10.21
C GLY A 139 -7.52 4.60 9.29
N PRO A 140 -7.35 5.90 9.51
CA PRO A 140 -7.95 7.00 8.77
C PRO A 140 -7.34 7.24 7.39
N TRP A 141 -8.07 7.97 6.55
CA TRP A 141 -7.61 8.29 5.21
C TRP A 141 -6.56 9.40 5.29
N ILE A 142 -5.33 9.07 4.92
CA ILE A 142 -4.24 10.05 4.95
C ILE A 142 -3.95 10.69 3.59
N PRO A 143 -3.67 12.00 3.59
CA PRO A 143 -3.36 12.71 2.35
C PRO A 143 -1.96 12.34 1.90
N TYR A 144 -1.87 11.81 0.68
CA TYR A 144 -0.61 11.42 0.09
C TYR A 144 -0.10 12.56 -0.80
N GLN A 145 -0.96 13.02 -1.71
CA GLN A 145 -0.58 14.07 -2.65
C GLN A 145 -1.77 14.88 -3.12
N TYR A 146 -1.48 16.14 -3.45
CA TYR A 146 -2.49 17.09 -3.94
C TYR A 146 -2.12 17.71 -5.30
N TYR A 147 -3.01 17.60 -6.28
CA TYR A 147 -2.79 18.18 -7.62
C TYR A 147 -3.89 19.22 -7.92
N SER A 148 -3.47 20.44 -8.21
CA SER A 148 -4.46 21.49 -8.48
C SER A 148 -3.85 22.76 -9.05
N GLY A 149 -4.55 23.37 -9.99
CA GLY A 149 -4.06 24.60 -10.58
C GLY A 149 -4.30 25.74 -9.62
N SER A 150 -4.94 25.41 -8.50
CA SER A 150 -5.27 26.39 -7.48
C SER A 150 -5.06 25.83 -6.08
N CYS A 151 -3.88 25.26 -5.84
CA CYS A 151 -3.52 24.66 -4.56
C CYS A 151 -3.92 25.41 -3.30
N GLU A 152 -3.38 26.60 -3.13
CA GLU A 152 -3.67 27.42 -1.95
C GLU A 152 -5.18 27.62 -1.77
N ASN A 153 -5.86 28.01 -2.83
CA ASN A 153 -7.30 28.24 -2.78
C ASN A 153 -8.17 27.01 -2.66
N THR A 154 -7.78 25.94 -3.35
CA THR A 154 -8.58 24.71 -3.30
C THR A 154 -8.22 23.76 -2.17
N TYR A 155 -6.94 23.65 -1.85
CA TYR A 155 -6.51 22.74 -0.79
C TYR A 155 -5.78 23.45 0.34
N SER A 156 -6.01 24.76 0.47
CA SER A 156 -5.35 25.54 1.51
C SER A 156 -3.95 24.98 1.67
N LYS A 157 -3.19 25.00 0.57
CA LYS A 157 -1.83 24.45 0.51
C LYS A 157 -0.97 25.07 -0.59
N ALA A 158 0.29 25.37 -0.27
CA ALA A 158 1.28 25.99 -1.16
C ALA A 158 1.35 25.48 -2.60
N ASN A 159 1.71 26.37 -3.53
CA ASN A 159 1.79 26.04 -4.97
C ASN A 159 2.68 24.89 -5.40
N ARG A 160 3.90 24.87 -4.88
CA ARG A 160 4.85 23.82 -5.18
C ARG A 160 5.76 23.85 -3.99
N GLY A 161 5.21 23.45 -2.86
CA GLY A 161 5.98 23.43 -1.62
C GLY A 161 6.91 22.25 -1.61
N PHE A 162 8.04 22.43 -0.94
CA PHE A 162 9.04 21.38 -0.85
C PHE A 162 9.22 21.14 0.63
N ILE A 163 9.64 19.92 0.97
CA ILE A 163 9.85 19.57 2.37
C ILE A 163 11.23 20.05 2.81
N ARG A 164 11.26 20.87 3.85
CA ARG A 164 12.53 21.41 4.36
C ARG A 164 13.25 20.35 5.15
N THR A 165 14.59 20.40 5.16
CA THR A 165 15.35 19.40 5.90
C THR A 165 15.06 19.50 7.38
N GLY A 166 14.97 18.33 8.01
CA GLY A 166 14.68 18.26 9.43
C GLY A 166 13.18 18.18 9.61
N GLY A 167 12.48 18.95 8.78
CA GLY A 167 11.03 18.99 8.84
C GLY A 167 10.27 17.69 8.70
N ASP A 168 8.96 17.79 8.94
CA ASP A 168 8.06 16.65 8.86
C ASP A 168 8.04 16.01 7.49
N GLU A 169 8.65 14.84 7.41
CA GLU A 169 8.74 14.09 6.18
C GLU A 169 7.42 13.53 5.68
N GLN A 170 6.36 13.57 6.48
CA GLN A 170 5.11 12.97 6.03
C GLN A 170 3.99 13.84 5.50
N GLN A 171 4.21 15.14 5.37
CA GLN A 171 3.15 16.01 4.86
C GLN A 171 2.92 15.84 3.37
N ALA A 172 1.68 16.07 2.94
CA ALA A 172 1.33 15.94 1.53
C ALA A 172 1.56 17.28 0.87
N LEU A 173 2.22 17.26 -0.28
CA LEU A 173 2.53 18.48 -1.00
C LEU A 173 1.49 18.73 -2.08
N CYS A 174 1.65 19.83 -2.81
CA CYS A 174 0.73 20.17 -3.88
C CYS A 174 1.50 20.82 -5.04
N THR A 175 1.01 20.57 -6.26
CA THR A 175 1.60 21.12 -7.50
C THR A 175 0.53 21.24 -8.55
N ASP A 176 0.78 22.13 -9.48
CA ASP A 176 -0.13 22.38 -10.58
C ASP A 176 0.47 21.76 -11.82
N GLU A 177 1.74 21.43 -11.73
CA GLU A 177 2.49 20.84 -12.83
C GLU A 177 1.69 19.86 -13.67
N PHE A 178 0.68 19.22 -13.08
CA PHE A 178 -0.09 18.24 -13.84
C PHE A 178 -1.58 18.59 -14.02
N SER A 179 -1.92 19.87 -13.98
CA SER A 179 -3.32 20.24 -14.12
C SER A 179 -3.55 21.35 -15.14
N ASP A 180 -3.25 21.10 -16.41
CA ASP A 180 -3.40 22.16 -17.41
C ASP A 180 -4.39 21.97 -18.55
N ILE A 181 -4.89 20.76 -18.74
CA ILE A 181 -5.82 20.46 -19.83
C ILE A 181 -5.01 20.20 -21.09
N SER A 182 -3.89 20.90 -21.22
CA SER A 182 -3.01 20.79 -22.38
C SER A 182 -3.37 19.58 -23.21
N PRO A 183 -3.04 18.35 -22.72
CA PRO A 183 -3.40 17.18 -23.52
C PRO A 183 -4.85 16.73 -23.27
N LEU A 184 -5.78 17.18 -24.12
CA LEU A 184 -7.19 16.80 -23.95
C LEU A 184 -7.38 15.33 -23.62
N THR A 185 -6.39 14.50 -23.96
CA THR A 185 -6.46 13.06 -23.70
C THR A 185 -5.05 12.53 -23.47
N GLY A 186 -4.95 11.39 -22.77
CA GLY A 186 -3.65 10.80 -22.50
C GLY A 186 -2.98 11.52 -21.35
N GLY A 187 -3.69 12.45 -20.72
CA GLY A 187 -3.13 13.16 -19.60
C GLY A 187 -2.61 12.16 -18.60
N ASN A 188 -1.30 12.11 -18.42
CA ASN A 188 -0.74 11.16 -17.47
C ASN A 188 -0.27 11.86 -16.19
N VAL A 189 -0.55 11.24 -15.04
CA VAL A 189 -0.16 11.77 -13.72
C VAL A 189 0.49 10.64 -12.93
N ALA A 190 1.61 10.93 -12.28
CA ALA A 190 2.31 9.91 -11.51
C ALA A 190 2.78 10.39 -10.14
N PHE A 191 2.33 9.71 -9.09
CA PHE A 191 2.73 10.05 -7.74
C PHE A 191 3.85 9.11 -7.33
N SER A 192 4.88 9.68 -6.72
CA SER A 192 6.02 8.91 -6.28
C SER A 192 6.32 9.19 -4.83
N THR A 193 5.85 8.31 -3.95
CA THR A 193 6.02 8.45 -2.52
C THR A 193 7.33 9.05 -2.02
N LEU A 194 8.45 8.36 -2.20
CA LEU A 194 9.73 8.89 -1.71
C LEU A 194 10.26 10.12 -2.44
N GLU A 195 9.61 10.49 -3.53
CA GLU A 195 10.03 11.66 -4.29
C GLU A 195 9.94 12.88 -3.40
N GLY A 196 10.99 13.70 -3.39
CA GLY A 196 10.98 14.91 -2.59
C GLY A 196 11.11 14.78 -1.08
N ARG A 197 11.22 13.56 -0.55
CA ARG A 197 11.36 13.35 0.90
C ARG A 197 12.87 13.40 1.25
N PRO A 198 13.32 14.46 1.95
CA PRO A 198 14.73 14.60 2.31
C PRO A 198 15.43 13.38 2.90
N SER A 199 14.68 12.34 3.23
CA SER A 199 15.30 11.16 3.81
C SER A 199 15.35 9.96 2.88
N ALA A 200 14.57 10.01 1.81
CA ALA A 200 14.50 8.93 0.84
C ALA A 200 15.83 8.19 0.56
N TYR A 201 16.96 8.86 0.77
CA TYR A 201 18.25 8.21 0.52
C TYR A 201 18.53 7.16 1.60
N ASN A 202 18.25 7.55 2.84
CA ASN A 202 18.47 6.73 4.03
C ASN A 202 17.21 5.91 4.32
N PHE A 203 16.32 5.84 3.35
CA PHE A 203 15.06 5.11 3.49
C PHE A 203 15.11 3.82 4.30
N ASP A 204 16.13 3.02 4.05
CA ASP A 204 16.27 1.74 4.72
C ASP A 204 16.45 1.85 6.22
N ASN A 205 16.45 3.07 6.75
CA ASN A 205 16.64 3.24 8.19
C ASN A 205 15.87 4.44 8.64
N SER A 206 14.73 4.62 7.98
CA SER A 206 13.83 5.72 8.25
C SER A 206 12.47 5.13 8.51
N PRO A 207 12.19 4.75 9.77
CA PRO A 207 10.87 4.18 10.04
C PRO A 207 9.77 5.12 9.49
N VAL A 208 10.01 6.41 9.67
CA VAL A 208 9.10 7.45 9.21
C VAL A 208 8.71 7.23 7.78
N LEU A 209 9.71 7.15 6.91
CA LEU A 209 9.45 6.92 5.51
C LEU A 209 9.01 5.47 5.31
N GLN A 210 9.55 4.55 6.11
CA GLN A 210 9.18 3.13 5.98
C GLN A 210 7.69 2.95 6.17
N GLU A 211 7.09 3.83 6.97
CA GLU A 211 5.66 3.79 7.19
C GLU A 211 4.96 4.65 6.14
N TRP A 212 5.57 5.78 5.78
CA TRP A 212 4.98 6.67 4.79
C TRP A 212 4.65 5.96 3.49
N VAL A 213 5.44 4.96 3.14
CA VAL A 213 5.27 4.18 1.92
C VAL A 213 4.30 3.02 2.14
N THR A 214 4.00 2.74 3.40
CA THR A 214 3.10 1.66 3.75
C THR A 214 1.68 2.03 3.36
N ALA A 215 0.91 1.04 2.90
CA ALA A 215 -0.44 1.34 2.50
C ALA A 215 -1.26 0.11 2.17
N THR A 216 -2.40 0.02 2.83
CA THR A 216 -3.32 -1.07 2.61
C THR A 216 -4.35 -0.67 1.53
N ASP A 217 -4.77 0.60 1.51
CA ASP A 217 -5.73 1.08 0.52
C ASP A 217 -5.28 2.41 -0.06
N ILE A 218 -5.67 2.69 -1.31
CA ILE A 218 -5.34 3.97 -1.97
C ILE A 218 -6.60 4.58 -2.56
N ARG A 219 -6.68 5.90 -2.49
CA ARG A 219 -7.85 6.59 -3.02
C ARG A 219 -7.50 7.85 -3.78
N VAL A 220 -8.23 8.07 -4.87
CA VAL A 220 -8.05 9.26 -5.69
C VAL A 220 -9.37 9.98 -5.61
N THR A 221 -9.30 11.31 -5.45
CA THR A 221 -10.49 12.15 -5.36
C THR A 221 -10.45 13.17 -6.48
N LEU A 222 -11.47 13.14 -7.32
CA LEU A 222 -11.57 14.09 -8.42
C LEU A 222 -12.36 15.22 -7.82
N ASN A 223 -11.69 16.33 -7.54
CA ASN A 223 -12.37 17.45 -6.91
C ASN A 223 -12.96 18.48 -7.86
N ARG A 224 -12.25 18.75 -8.94
CA ARG A 224 -12.68 19.73 -9.94
C ARG A 224 -12.22 19.46 -11.37
N LEU A 225 -13.12 19.73 -12.32
CA LEU A 225 -12.84 19.55 -13.75
C LEU A 225 -12.22 20.81 -14.31
N ASN A 226 -11.26 20.62 -15.22
CA ASN A 226 -10.62 21.74 -15.87
C ASN A 226 -11.62 22.12 -16.96
N THR A 227 -11.82 23.42 -17.15
CA THR A 227 -12.79 23.89 -18.14
C THR A 227 -12.31 25.00 -19.03
N PHE A 228 -12.91 25.08 -20.22
CA PHE A 228 -12.59 26.10 -21.21
C PHE A 228 -13.30 27.43 -21.00
N GLY A 229 -14.50 27.39 -20.45
CA GLY A 229 -15.21 28.62 -20.21
C GLY A 229 -16.60 28.61 -20.80
N ASP A 230 -16.83 27.73 -21.78
CA ASP A 230 -18.12 27.63 -22.45
C ASP A 230 -19.28 27.34 -21.52
N GLU A 231 -19.03 26.58 -20.45
CA GLU A 231 -20.11 26.28 -19.52
C GLU A 231 -20.54 27.47 -18.69
N VAL A 232 -20.06 28.66 -19.04
CA VAL A 232 -20.45 29.87 -18.31
C VAL A 232 -21.96 30.04 -18.42
N PHE A 233 -22.51 29.72 -19.58
CA PHE A 233 -23.94 29.81 -19.82
C PHE A 233 -24.39 28.38 -20.03
N ASN A 234 -25.13 27.85 -19.07
CA ASN A 234 -25.63 26.48 -19.07
C ASN A 234 -26.00 25.77 -20.37
N GLU A 235 -25.25 25.98 -21.45
CA GLU A 235 -25.61 25.30 -22.70
C GLU A 235 -25.50 23.79 -22.54
N PRO A 236 -26.63 23.09 -22.74
CA PRO A 236 -26.69 21.63 -22.62
C PRO A 236 -25.59 20.90 -23.37
N LYS A 237 -25.42 21.23 -24.64
CA LYS A 237 -24.42 20.60 -25.49
C LYS A 237 -22.99 20.77 -24.98
N VAL A 238 -22.73 21.83 -24.20
CA VAL A 238 -21.39 22.06 -23.68
C VAL A 238 -21.16 21.25 -22.41
N LEU A 239 -22.17 21.20 -21.55
CA LEU A 239 -22.03 20.44 -20.33
C LEU A 239 -21.80 18.98 -20.68
N LYS A 240 -22.53 18.47 -21.66
CA LYS A 240 -22.37 17.09 -22.08
C LYS A 240 -20.98 16.88 -22.69
N SER A 241 -20.09 17.85 -22.53
CA SER A 241 -18.75 17.74 -23.10
C SER A 241 -17.65 17.65 -22.03
N TYR A 242 -18.02 17.97 -20.79
CA TYR A 242 -17.07 17.93 -19.67
C TYR A 242 -17.38 16.80 -18.70
N TYR A 243 -16.37 15.95 -18.49
CA TYR A 243 -16.49 14.82 -17.58
C TYR A 243 -15.12 14.21 -17.25
N TYR A 244 -15.08 13.34 -16.25
CA TYR A 244 -13.85 12.68 -15.88
C TYR A 244 -13.88 11.37 -16.65
N ALA A 245 -12.71 10.93 -17.08
CA ALA A 245 -12.55 9.69 -17.80
C ALA A 245 -11.11 9.24 -17.57
N ILE A 246 -10.94 8.04 -17.03
CA ILE A 246 -9.61 7.49 -16.77
C ILE A 246 -9.45 6.19 -17.55
N SER A 247 -8.33 6.06 -18.26
CA SER A 247 -8.06 4.88 -19.08
C SER A 247 -7.26 3.77 -18.40
N ASP A 248 -6.66 4.09 -17.26
CA ASP A 248 -5.87 3.13 -16.48
C ASP A 248 -5.38 3.68 -15.14
N PHE A 249 -5.70 2.93 -14.09
CA PHE A 249 -5.34 3.25 -12.71
C PHE A 249 -4.23 2.28 -12.27
N ALA A 250 -2.98 2.73 -12.24
CA ALA A 250 -1.89 1.86 -11.84
C ALA A 250 -1.07 2.33 -10.63
N VAL A 251 -0.99 1.45 -9.63
CA VAL A 251 -0.25 1.74 -8.42
C VAL A 251 0.87 0.69 -8.21
N GLY A 252 2.10 1.11 -8.46
CA GLY A 252 3.22 0.20 -8.33
C GLY A 252 3.92 0.26 -7.00
N GLY A 253 4.30 -0.92 -6.51
CA GLY A 253 5.00 -1.05 -5.25
C GLY A 253 5.13 -2.55 -5.06
N ARG A 254 5.34 -3.01 -3.84
CA ARG A 254 5.47 -4.44 -3.63
C ARG A 254 4.89 -4.84 -2.30
N CYS A 255 4.29 -6.02 -2.25
CA CYS A 255 3.68 -6.55 -1.04
C CYS A 255 4.62 -6.44 0.15
N LYS A 256 4.16 -5.77 1.20
CA LYS A 256 4.98 -5.54 2.39
C LYS A 256 5.18 -6.76 3.24
N CYS A 257 6.46 -7.06 3.53
CA CYS A 257 6.81 -8.19 4.37
C CYS A 257 8.04 -7.93 5.27
N ASN A 258 8.58 -6.72 5.23
CA ASN A 258 9.72 -6.33 6.06
C ASN A 258 11.03 -7.00 5.72
N GLY A 259 11.10 -7.56 4.51
CA GLY A 259 12.30 -8.24 4.09
C GLY A 259 12.38 -9.66 4.62
N HIS A 260 11.25 -10.23 5.05
CA HIS A 260 11.25 -11.58 5.58
C HIS A 260 10.50 -12.57 4.71
N ALA A 261 10.31 -12.20 3.43
CA ALA A 261 9.63 -13.06 2.46
C ALA A 261 10.00 -12.54 1.08
N SER A 262 9.71 -13.33 0.06
CA SER A 262 10.00 -12.93 -1.32
C SER A 262 8.85 -13.32 -2.22
N GLU A 263 7.69 -13.48 -1.61
CA GLU A 263 6.52 -13.86 -2.36
C GLU A 263 5.27 -13.81 -1.47
N CYS A 264 4.20 -13.16 -1.95
CA CYS A 264 2.96 -13.12 -1.18
C CYS A 264 2.00 -14.09 -1.83
N VAL A 265 1.18 -14.76 -1.02
CA VAL A 265 0.25 -15.76 -1.52
C VAL A 265 -1.10 -15.78 -0.82
N LYS A 266 -2.17 -16.02 -1.58
CA LYS A 266 -3.51 -16.07 -1.01
C LYS A 266 -3.62 -17.39 -0.25
N ASN A 267 -4.31 -17.36 0.89
CA ASN A 267 -4.44 -18.54 1.71
C ASN A 267 -5.76 -19.29 1.55
N GLU A 268 -6.09 -20.08 2.58
CA GLU A 268 -7.32 -20.87 2.61
C GLU A 268 -8.55 -19.94 2.57
N PHE A 269 -8.48 -18.82 3.28
CA PHE A 269 -9.59 -17.85 3.35
C PHE A 269 -9.59 -16.89 2.14
N ASP A 270 -8.67 -17.08 1.21
CA ASP A 270 -8.55 -16.24 -0.01
C ASP A 270 -8.06 -14.80 0.20
N LYS A 271 -7.44 -14.54 1.35
CA LYS A 271 -6.88 -13.24 1.70
C LYS A 271 -5.35 -13.31 1.51
N LEU A 272 -4.79 -12.35 0.79
CA LEU A 272 -3.35 -12.31 0.50
C LEU A 272 -2.44 -12.12 1.72
N MET A 273 -1.33 -12.86 1.75
CA MET A 273 -0.36 -12.78 2.87
C MET A 273 1.10 -13.06 2.48
N CYS A 274 2.01 -12.94 3.44
CA CYS A 274 3.44 -13.16 3.21
C CYS A 274 3.85 -14.58 3.61
N ASN A 275 4.89 -15.08 2.95
CA ASN A 275 5.44 -16.40 3.26
C ASN A 275 6.64 -16.06 4.15
N CYS A 276 6.36 -15.88 5.44
CA CYS A 276 7.37 -15.47 6.41
C CYS A 276 8.55 -16.38 6.80
N LYS A 277 9.70 -16.05 6.21
CA LYS A 277 10.94 -16.77 6.46
C LYS A 277 11.60 -16.14 7.69
N HIS A 278 12.91 -16.31 7.84
CA HIS A 278 13.61 -15.73 8.98
C HIS A 278 12.99 -16.03 10.34
N ASN A 279 12.17 -17.07 10.39
CA ASN A 279 11.52 -17.49 11.62
C ASN A 279 10.48 -16.51 12.13
N THR A 280 9.92 -15.72 11.23
CA THR A 280 8.92 -14.76 11.62
C THR A 280 7.60 -15.24 11.07
N TYR A 281 6.54 -14.67 11.60
CA TYR A 281 5.21 -14.99 11.14
C TYR A 281 4.40 -13.71 11.27
N GLY A 282 3.08 -13.81 11.11
CA GLY A 282 2.24 -12.62 11.16
C GLY A 282 1.92 -12.31 9.72
N VAL A 283 0.96 -11.44 9.47
CA VAL A 283 0.61 -11.15 8.08
C VAL A 283 1.73 -10.48 7.31
N ASP A 284 2.45 -9.59 7.98
CA ASP A 284 3.54 -8.89 7.35
C ASP A 284 4.90 -9.36 7.84
N CYS A 285 4.95 -10.55 8.44
CA CYS A 285 6.22 -11.08 8.95
C CYS A 285 6.77 -10.07 9.94
N GLU A 286 5.87 -9.39 10.62
CA GLU A 286 6.27 -8.36 11.58
C GLU A 286 6.48 -8.89 12.97
N LYS A 287 6.55 -10.20 13.14
CA LYS A 287 6.74 -10.72 14.47
C LYS A 287 7.36 -12.11 14.50
N CYS A 288 8.06 -12.40 15.58
CA CYS A 288 8.74 -13.66 15.78
C CYS A 288 7.84 -14.82 16.17
N LEU A 289 7.91 -15.91 15.41
CA LEU A 289 7.11 -17.10 15.72
C LEU A 289 7.40 -17.36 17.17
N PRO A 290 6.43 -17.90 17.90
CA PRO A 290 6.73 -18.16 19.31
C PRO A 290 7.92 -19.10 19.31
N PHE A 291 8.62 -19.22 20.43
CA PHE A 291 9.80 -20.09 20.50
C PHE A 291 11.05 -19.41 19.95
N PHE A 292 10.86 -18.48 19.03
CA PHE A 292 12.00 -17.75 18.47
C PHE A 292 12.04 -16.37 19.11
N ASN A 293 12.31 -16.35 20.41
CA ASN A 293 12.36 -15.11 21.13
C ASN A 293 13.66 -14.95 21.89
N ASP A 294 14.76 -15.08 21.15
CA ASP A 294 16.07 -14.92 21.76
C ASP A 294 16.40 -13.43 21.80
N ARG A 295 15.75 -12.70 20.90
CA ARG A 295 15.92 -11.26 20.78
C ARG A 295 14.70 -10.66 20.10
N PRO A 296 14.54 -9.33 20.17
CA PRO A 296 13.43 -8.58 19.58
C PRO A 296 13.32 -8.60 18.05
N TRP A 297 12.09 -8.50 17.57
CA TRP A 297 11.85 -8.50 16.13
C TRP A 297 12.32 -7.22 15.47
N ARG A 298 12.80 -7.34 14.23
CA ARG A 298 13.29 -6.18 13.50
C ARG A 298 13.09 -6.30 11.98
N ARG A 299 12.99 -5.14 11.33
CA ARG A 299 12.86 -5.12 9.88
C ARG A 299 14.28 -5.47 9.45
N ALA A 300 14.40 -6.26 8.39
CA ALA A 300 15.71 -6.66 7.91
C ALA A 300 16.25 -5.62 6.93
N THR A 301 17.48 -5.19 7.17
CA THR A 301 18.10 -4.19 6.31
C THR A 301 19.03 -4.87 5.34
N ALA A 302 19.75 -4.08 4.56
CA ALA A 302 20.71 -4.62 3.62
C ALA A 302 21.90 -5.02 4.46
N GLU A 303 22.32 -4.11 5.35
CA GLU A 303 23.44 -4.38 6.22
C GLU A 303 23.27 -5.78 6.81
N SER A 304 22.42 -5.93 7.82
CA SER A 304 22.16 -7.24 8.43
C SER A 304 20.69 -7.60 8.32
N ALA A 305 20.41 -8.80 7.81
CA ALA A 305 19.04 -9.27 7.62
C ALA A 305 18.39 -9.85 8.85
N SER A 306 18.20 -9.01 9.88
CA SER A 306 17.59 -9.43 11.14
C SER A 306 16.69 -10.64 10.94
N GLU A 307 16.82 -11.61 11.83
CA GLU A 307 16.06 -12.86 11.78
C GLU A 307 15.85 -13.31 13.21
N CYS A 308 14.66 -13.80 13.51
CA CYS A 308 14.33 -14.24 14.85
C CYS A 308 15.12 -15.47 15.23
N LEU A 309 15.84 -15.40 16.34
CA LEU A 309 16.65 -16.53 16.77
C LEU A 309 15.88 -17.39 17.73
N PRO A 310 16.08 -18.73 17.67
CA PRO A 310 15.41 -19.71 18.52
C PRO A 310 15.85 -19.69 19.99
N CYS A 311 14.96 -20.16 20.86
CA CYS A 311 15.25 -20.27 22.28
C CYS A 311 16.09 -21.54 22.46
N ASP A 312 16.61 -21.78 23.64
CA ASP A 312 17.40 -22.99 23.81
C ASP A 312 16.48 -24.10 24.34
N CYS A 313 16.29 -24.09 25.66
CA CYS A 313 15.45 -25.08 26.34
C CYS A 313 16.08 -26.46 26.41
N ASN A 314 16.99 -26.77 25.50
CA ASN A 314 17.65 -28.07 25.51
C ASN A 314 16.69 -29.21 25.20
N GLY A 315 15.67 -28.90 24.40
CA GLY A 315 14.70 -29.90 24.01
C GLY A 315 13.62 -30.21 25.04
N ARG A 316 13.81 -29.74 26.27
CA ARG A 316 12.83 -29.98 27.31
C ARG A 316 11.54 -29.24 27.01
N SER A 317 11.61 -27.93 26.80
CA SER A 317 10.39 -27.20 26.46
C SER A 317 10.32 -26.84 24.99
N GLN A 318 9.10 -26.76 24.47
CA GLN A 318 8.89 -26.41 23.07
C GLN A 318 8.29 -25.01 23.07
N GLU A 319 8.29 -24.38 24.25
CA GLU A 319 7.73 -23.04 24.41
C GLU A 319 8.60 -22.13 25.27
N CYS A 320 8.60 -20.84 24.92
CA CYS A 320 9.39 -19.85 25.65
C CYS A 320 8.88 -18.46 25.35
N TYR A 321 9.20 -17.53 26.26
CA TYR A 321 8.82 -16.13 26.10
C TYR A 321 10.11 -15.29 26.02
N PHE A 322 10.00 -14.03 25.62
CA PHE A 322 11.19 -13.17 25.53
C PHE A 322 11.40 -12.38 26.83
N ASP A 323 12.43 -12.74 27.58
CA ASP A 323 12.72 -12.05 28.83
C ASP A 323 13.69 -10.89 28.53
N PRO A 324 13.24 -9.62 28.72
CA PRO A 324 14.10 -8.45 28.46
C PRO A 324 15.31 -8.36 29.37
N GLU A 325 15.08 -8.60 30.65
CA GLU A 325 16.15 -8.55 31.65
C GLU A 325 17.23 -9.56 31.33
N LEU A 326 16.81 -10.79 31.03
CA LEU A 326 17.73 -11.87 30.67
C LEU A 326 18.55 -11.35 29.49
N TYR A 327 17.85 -10.80 28.51
CA TYR A 327 18.46 -10.27 27.31
C TYR A 327 19.51 -9.21 27.64
N ARG A 328 19.22 -8.36 28.62
CA ARG A 328 20.17 -7.33 28.99
C ARG A 328 21.42 -7.94 29.65
N SER A 329 21.20 -8.83 30.61
CA SER A 329 22.29 -9.49 31.33
C SER A 329 23.17 -10.30 30.38
N THR A 330 22.59 -11.33 29.79
CA THR A 330 23.31 -12.17 28.84
C THR A 330 22.91 -11.76 27.43
N GLY A 331 23.68 -12.19 26.43
CA GLY A 331 23.34 -11.83 25.06
C GLY A 331 21.96 -12.28 24.63
N HIS A 332 21.57 -13.49 25.03
CA HIS A 332 20.28 -14.04 24.65
C HIS A 332 19.23 -13.78 25.72
N GLY A 333 17.96 -13.82 25.31
CA GLY A 333 16.89 -13.58 26.25
C GLY A 333 15.69 -14.48 26.02
N GLY A 334 15.93 -15.63 25.39
CA GLY A 334 14.86 -16.56 25.15
C GLY A 334 14.65 -17.33 26.42
N HIS A 335 13.49 -17.16 27.05
CA HIS A 335 13.19 -17.82 28.31
C HIS A 335 12.16 -18.93 28.15
N CYS A 336 12.59 -20.15 28.47
CA CYS A 336 11.77 -21.35 28.35
C CYS A 336 10.74 -21.51 29.44
N THR A 337 9.60 -22.10 29.08
CA THR A 337 8.52 -22.30 30.02
C THR A 337 8.12 -23.77 30.14
N ASN A 338 7.89 -24.21 31.37
CA ASN A 338 7.50 -25.59 31.67
C ASN A 338 8.41 -26.61 30.99
N CYS A 339 9.54 -26.88 31.63
CA CYS A 339 10.50 -27.81 31.09
C CYS A 339 10.12 -29.25 31.41
N ARG A 340 9.96 -30.06 30.37
CA ARG A 340 9.61 -31.46 30.53
C ARG A 340 10.70 -32.17 31.33
N ASP A 341 10.37 -33.33 31.92
CA ASP A 341 11.34 -34.11 32.68
C ASP A 341 11.97 -33.39 33.86
N ASN A 342 11.14 -32.77 34.70
CA ASN A 342 11.59 -32.05 35.89
C ASN A 342 13.00 -31.48 35.74
N THR A 343 13.20 -30.78 34.62
CA THR A 343 14.47 -30.14 34.33
C THR A 343 14.19 -28.63 34.43
N ASP A 344 14.93 -27.93 35.28
CA ASP A 344 14.73 -26.50 35.49
C ASP A 344 15.66 -25.61 34.64
N GLY A 345 15.80 -24.33 35.04
CA GLY A 345 16.67 -23.40 34.31
C GLY A 345 15.98 -22.55 33.27
N ALA A 346 16.59 -21.39 32.97
CA ALA A 346 16.05 -20.44 31.99
C ALA A 346 15.89 -21.11 30.63
N LYS A 347 16.79 -22.04 30.33
CA LYS A 347 16.70 -22.76 29.08
C LYS A 347 16.82 -24.24 29.33
N CYS A 348 16.07 -24.69 30.34
CA CYS A 348 16.00 -26.09 30.77
C CYS A 348 17.35 -26.80 30.74
N GLU A 349 18.36 -26.16 31.32
CA GLU A 349 19.70 -26.74 31.30
C GLU A 349 20.20 -27.28 32.63
N ARG A 350 19.30 -27.72 33.50
CA ARG A 350 19.75 -28.24 34.80
C ARG A 350 18.68 -29.02 35.53
N CYS A 351 19.11 -29.86 36.45
CA CYS A 351 18.15 -30.66 37.20
C CYS A 351 17.55 -29.80 38.31
N ARG A 352 16.24 -29.90 38.48
CA ARG A 352 15.56 -29.14 39.53
C ARG A 352 16.25 -29.47 40.86
N GLU A 353 16.41 -28.48 41.72
CA GLU A 353 17.07 -28.72 43.02
C GLU A 353 16.67 -30.09 43.59
N ASN A 354 17.64 -30.77 44.22
CA ASN A 354 17.41 -32.08 44.81
C ASN A 354 16.93 -33.15 43.81
N PHE A 355 17.51 -33.12 42.61
CA PHE A 355 17.22 -34.07 41.51
C PHE A 355 18.55 -34.29 40.77
N PHE A 356 18.80 -35.48 40.25
CA PHE A 356 20.05 -35.72 39.53
C PHE A 356 19.91 -36.55 38.25
N ARG A 357 20.91 -36.43 37.38
CA ARG A 357 20.96 -37.17 36.12
C ARG A 357 21.66 -38.51 36.36
N LEU A 358 20.86 -39.57 36.52
CA LEU A 358 21.40 -40.90 36.78
C LEU A 358 21.20 -41.88 35.62
N GLY A 359 22.30 -42.51 35.21
CA GLY A 359 22.31 -43.46 34.10
C GLY A 359 21.06 -44.11 33.52
N ASN A 360 21.02 -44.16 32.18
CA ASN A 360 19.96 -44.78 31.38
C ASN A 360 18.57 -44.14 31.46
N THR A 361 18.25 -43.61 32.62
CA THR A 361 16.96 -42.95 32.82
C THR A 361 17.08 -41.57 32.15
N GLU A 362 16.14 -41.24 31.28
CA GLU A 362 16.18 -39.98 30.56
C GLU A 362 15.88 -38.75 31.40
N ALA A 363 14.94 -38.85 32.34
CA ALA A 363 14.57 -37.70 33.17
C ALA A 363 15.34 -37.55 34.48
N CYS A 364 15.53 -36.30 34.91
CA CYS A 364 16.22 -36.05 36.19
C CYS A 364 15.28 -36.64 37.24
N SER A 365 15.76 -37.64 37.96
CA SER A 365 14.97 -38.31 38.99
C SER A 365 15.35 -37.84 40.40
N PRO A 366 14.43 -38.02 41.38
CA PRO A 366 14.70 -37.59 42.76
C PRO A 366 16.03 -38.11 43.34
N ALA A 367 16.35 -37.67 44.56
CA ALA A 367 17.59 -38.03 45.24
C ALA A 367 18.04 -39.50 45.12
N ALA A 368 19.11 -39.83 45.68
#